data_4DAW
#
_entry.id   4DAW
#
_cell.length_a   51.676
_cell.length_b   103.549
_cell.length_c   122.790
_cell.angle_alpha   90.00
_cell.angle_beta   90.00
_cell.angle_gamma   90.00
#
_symmetry.space_group_name_H-M   'C 2 2 21'
#
loop_
_entity.id
_entity.type
_entity.pdbx_description
1 polymer 'Serine/threonine-protein kinase PAK 1'
2 non-polymer [1,3-dioxo-6-(pyridin-2-yl-kappaN)-2,3-dihydro-1H-isoindol-5-yl-kappaC~5~][(thioxomethylidene)azanido-kappaN](1,4,7-trithionane-kappa~3~S~1~,S~4~,S~7~)ruthenium
3 water water
#
_entity_poly.entity_id   1
_entity_poly.type   'polypeptide(L)'
_entity_poly.pdbx_seq_one_letter_code
;SDEEILEKLRSIVSVGDPKKKYTRFEKIGQGASGTVYTAMDVATGQEVAIRQMNLQQQPKKELIINEILVMRENKNPNIV
NYLDSYLVGDELWVVMEYLAGGSLTDVVTETCMDEGQIAAVCRECLQALEFLHSNQVIHRDIKSDNILLGMDGSVKLTDF
GFCAQITPEQSKRS(TPO)MVGTPYWMAPEVVTRKAYGPKVDIWSLGIMAIEMIEGEPPYLNENPLRALYLIATNGTPEL
QNPEKLSAIFRDFLNRCLEMDVEKRGSAKELLQHQFLKIAKPLSSLTPLIAAAKEATKNNH
;
_entity_poly.pdbx_strand_id   A
#
loop_
_chem_comp.id
_chem_comp.type
_chem_comp.name
_chem_comp.formula
0H2 non-polymer [1,3-dioxo-6-(pyridin-2-yl-kappaN)-2,3-dihydro-1H-isoindol-5-yl-kappaC~5~][(thioxomethylidene)azanido-kappaN](1,4,7-trithionane-kappa~3~S~1~,S~4~,S~7~)ruthenium 'C20 H19 N3 O2 Ru S4'
#
# COMPACT_ATOMS: atom_id res chain seq x y z
N SER A 1 15.51 14.22 -18.94
CA SER A 1 16.97 14.08 -19.21
C SER A 1 17.73 13.49 -18.01
N ASP A 2 18.65 12.56 -18.29
CA ASP A 2 19.44 11.89 -17.24
C ASP A 2 20.19 12.85 -16.32
N GLU A 3 20.74 13.92 -16.89
CA GLU A 3 21.47 14.94 -16.13
C GLU A 3 20.57 15.79 -15.24
N GLU A 4 19.41 16.17 -15.77
CA GLU A 4 18.41 16.94 -15.03
C GLU A 4 17.88 16.13 -13.83
N ILE A 5 17.73 14.82 -14.03
CA ILE A 5 17.23 13.91 -12.99
C ILE A 5 18.24 13.79 -11.84
N LEU A 6 19.51 13.59 -12.19
CA LEU A 6 20.59 13.46 -11.19
C LEU A 6 20.73 14.69 -10.33
N GLU A 7 20.51 15.86 -10.92
CA GLU A 7 20.70 17.13 -10.23
C GLU A 7 19.52 17.43 -9.32
N LYS A 8 18.32 17.14 -9.81
CA LYS A 8 17.12 17.21 -8.98
C LYS A 8 17.22 16.25 -7.79
N LEU A 9 17.66 15.01 -8.04
CA LEU A 9 17.88 14.07 -6.93
C LEU A 9 18.95 14.58 -5.97
N ARG A 10 20.02 15.15 -6.52
CA ARG A 10 21.10 15.73 -5.70
C ARG A 10 20.56 16.77 -4.72
N SER A 11 19.64 17.61 -5.17
CA SER A 11 19.02 18.63 -4.30
C SER A 11 18.16 18.01 -3.19
N ILE A 12 17.56 16.85 -3.46
CA ILE A 12 16.64 16.16 -2.52
C ILE A 12 17.37 15.41 -1.41
N VAL A 13 18.42 14.68 -1.78
CA VAL A 13 19.08 13.73 -0.88
C VAL A 13 19.99 14.41 0.14
N SER A 14 20.31 13.69 1.21
CA SER A 14 21.34 14.10 2.14
C SER A 14 22.71 13.92 1.49
N VAL A 15 23.68 14.70 1.96
CA VAL A 15 25.03 14.65 1.38
C VAL A 15 25.81 13.45 1.90
N GLY A 16 26.79 13.02 1.12
CA GLY A 16 27.74 12.01 1.59
C GLY A 16 27.39 10.57 1.33
N ASP A 17 28.15 9.69 1.98
CA ASP A 17 28.05 8.26 1.78
C ASP A 17 27.26 7.64 2.91
N PRO A 18 26.15 6.97 2.60
CA PRO A 18 25.32 6.35 3.62
C PRO A 18 25.98 5.18 4.35
N LYS A 19 27.04 4.60 3.76
CA LYS A 19 27.76 3.46 4.36
C LYS A 19 28.45 3.82 5.66
N LYS A 20 28.69 5.12 5.84
CA LYS A 20 29.21 5.66 7.09
C LYS A 20 28.13 5.69 8.18
N LYS A 21 26.86 5.71 7.76
CA LYS A 21 25.75 5.88 8.69
C LYS A 21 24.96 4.61 9.02
N TYR A 22 25.10 3.58 8.19
CA TYR A 22 24.38 2.32 8.38
C TYR A 22 25.30 1.12 8.30
N THR A 23 25.02 0.12 9.12
CA THR A 23 25.80 -1.11 9.17
C THR A 23 24.89 -2.35 9.23
N ARG A 24 25.49 -3.54 9.33
CA ARG A 24 24.77 -4.82 9.45
C ARG A 24 23.78 -5.05 8.29
N PHE A 25 24.25 -4.85 7.07
CA PHE A 25 23.42 -5.01 5.88
C PHE A 25 23.07 -6.45 5.57
N GLU A 26 21.79 -6.69 5.30
CA GLU A 26 21.29 -7.99 4.89
C GLU A 26 20.17 -7.83 3.87
N LYS A 27 20.38 -8.40 2.67
CA LYS A 27 19.38 -8.45 1.62
C LYS A 27 18.12 -9.18 2.08
N ILE A 28 16.96 -8.56 1.90
CA ILE A 28 15.69 -9.21 2.25
C ILE A 28 14.73 -9.29 1.06
N GLY A 29 15.13 -8.67 -0.05
CA GLY A 29 14.35 -8.68 -1.29
C GLY A 29 15.13 -8.08 -2.44
N GLN A 30 14.71 -8.38 -3.67
CA GLN A 30 15.33 -7.84 -4.89
C GLN A 30 14.40 -8.03 -6.07
N GLY A 31 14.25 -6.98 -6.88
CA GLY A 31 13.34 -7.01 -8.03
C GLY A 31 13.40 -5.75 -8.88
N ALA A 32 12.31 -5.50 -9.60
CA ALA A 32 12.21 -4.35 -10.52
C ALA A 32 12.43 -2.99 -9.83
N SER A 33 11.99 -2.89 -8.57
CA SER A 33 12.14 -1.66 -7.77
C SER A 33 13.54 -1.48 -7.17
N GLY A 34 14.41 -2.47 -7.36
CA GLY A 34 15.76 -2.47 -6.79
C GLY A 34 15.95 -3.57 -5.75
N THR A 35 16.99 -3.42 -4.93
CA THR A 35 17.29 -4.36 -3.85
C THR A 35 16.98 -3.72 -2.50
N VAL A 36 16.31 -4.47 -1.62
CA VAL A 36 16.09 -4.01 -0.24
C VAL A 36 16.95 -4.78 0.75
N TYR A 37 17.49 -4.04 1.70
CA TYR A 37 18.26 -4.59 2.80
C TYR A 37 17.65 -4.14 4.11
N THR A 38 17.81 -4.96 5.14
CA THR A 38 17.72 -4.48 6.50
C THR A 38 19.11 -3.95 6.85
N ALA A 39 19.16 -2.94 7.70
CA ALA A 39 20.42 -2.41 8.19
C ALA A 39 20.18 -1.74 9.55
N MET A 40 21.27 -1.44 10.23
CA MET A 40 21.19 -0.78 11.52
C MET A 40 21.70 0.64 11.39
N ASP A 41 20.90 1.60 11.83
CA ASP A 41 21.35 2.97 11.97
C ASP A 41 22.45 2.97 13.03
N VAL A 42 23.64 3.43 12.64
CA VAL A 42 24.83 3.35 13.51
C VAL A 42 24.72 4.25 14.75
N ALA A 43 23.88 5.28 14.67
CA ALA A 43 23.75 6.31 15.71
C ALA A 43 22.67 6.01 16.75
N THR A 44 21.52 5.55 16.29
CA THR A 44 20.34 5.37 17.14
C THR A 44 19.99 3.92 17.40
N GLY A 45 20.61 3.02 16.64
CA GLY A 45 20.34 1.59 16.75
C GLY A 45 19.01 1.16 16.14
N GLN A 46 18.31 2.10 15.50
CA GLN A 46 17.06 1.79 14.78
C GLN A 46 17.34 0.84 13.62
N GLU A 47 16.55 -0.22 13.51
CA GLU A 47 16.65 -1.10 12.35
C GLU A 47 15.86 -0.46 11.20
N VAL A 48 16.51 -0.38 10.04
CA VAL A 48 15.92 0.30 8.89
C VAL A 48 15.85 -0.61 7.68
N ALA A 49 15.02 -0.22 6.72
CA ALA A 49 14.95 -0.89 5.43
C ALA A 49 15.49 0.06 4.38
N ILE A 50 16.55 -0.35 3.70
CA ILE A 50 17.15 0.47 2.67
C ILE A 50 16.87 -0.10 1.29
N ARG A 51 16.26 0.72 0.43
CA ARG A 51 16.03 0.38 -0.96
C ARG A 51 17.14 0.99 -1.81
N GLN A 52 17.93 0.13 -2.45
CA GLN A 52 19.05 0.55 -3.28
C GLN A 52 18.68 0.47 -4.77
N MET A 53 19.00 1.53 -5.51
CA MET A 53 18.71 1.60 -6.94
C MET A 53 19.90 2.10 -7.77
N ASN A 54 20.20 1.37 -8.84
CA ASN A 54 21.10 1.86 -9.87
C ASN A 54 20.23 2.61 -10.88
N LEU A 55 20.47 3.91 -11.02
CA LEU A 55 19.64 4.77 -11.86
C LEU A 55 19.79 4.50 -13.36
N GLN A 56 20.90 3.86 -13.75
CA GLN A 56 21.13 3.44 -15.14
C GLN A 56 20.14 2.35 -15.60
N GLN A 57 19.53 1.66 -14.64
CA GLN A 57 18.54 0.61 -14.94
C GLN A 57 17.17 0.89 -14.32
N GLN A 58 16.82 2.17 -14.23
CA GLN A 58 15.46 2.60 -13.91
C GLN A 58 14.86 3.34 -15.11
N PRO A 59 13.79 2.77 -15.71
CA PRO A 59 13.20 3.33 -16.94
C PRO A 59 12.37 4.59 -16.72
N LYS A 60 11.86 4.77 -15.50
CA LYS A 60 10.92 5.85 -15.21
C LYS A 60 11.35 6.61 -13.95
N LYS A 61 12.46 7.35 -14.08
CA LYS A 61 13.11 8.03 -12.96
C LYS A 61 12.27 9.19 -12.40
N GLU A 62 11.44 9.78 -13.24
CA GLU A 62 10.43 10.76 -12.86
C GLU A 62 9.55 10.27 -11.71
N LEU A 63 9.26 8.97 -11.72
CA LEU A 63 8.38 8.37 -10.72
C LEU A 63 9.05 8.22 -9.36
N ILE A 64 10.36 7.99 -9.34
CA ILE A 64 11.06 7.87 -8.05
C ILE A 64 11.22 9.23 -7.37
N ILE A 65 11.53 10.26 -8.15
CA ILE A 65 11.57 11.63 -7.62
C ILE A 65 10.20 11.96 -7.01
N ASN A 66 9.13 11.75 -7.77
CA ASN A 66 7.77 11.92 -7.26
C ASN A 66 7.52 11.10 -6.00
N GLU A 67 7.99 9.86 -6.01
CA GLU A 67 7.80 8.95 -4.88
C GLU A 67 8.36 9.55 -3.57
N ILE A 68 9.60 10.01 -3.63
CA ILE A 68 10.30 10.57 -2.47
C ILE A 68 9.69 11.89 -2.00
N LEU A 69 9.39 12.76 -2.96
CA LEU A 69 8.75 14.05 -2.66
C LEU A 69 7.37 13.90 -2.00
N VAL A 70 6.57 12.94 -2.48
CA VAL A 70 5.26 12.69 -1.85
C VAL A 70 5.45 12.15 -0.43
N MET A 71 6.35 11.19 -0.27
CA MET A 71 6.62 10.64 1.06
C MET A 71 7.10 11.73 2.03
N ARG A 72 8.03 12.56 1.56
CA ARG A 72 8.60 13.60 2.39
C ARG A 72 7.53 14.52 2.97
N GLU A 73 6.55 14.89 2.15
CA GLU A 73 5.59 15.92 2.50
C GLU A 73 4.21 15.38 2.91
N ASN A 74 4.10 14.06 3.04
CA ASN A 74 2.84 13.43 3.49
C ASN A 74 3.09 12.37 4.56
N LYS A 75 3.72 12.80 5.65
CA LYS A 75 3.99 11.90 6.76
C LYS A 75 2.71 11.63 7.55
N ASN A 76 2.55 10.40 8.02
CA ASN A 76 1.33 9.95 8.71
C ASN A 76 1.59 8.65 9.49
N PRO A 77 0.99 8.50 10.70
CA PRO A 77 1.15 7.30 11.53
C PRO A 77 0.86 6.00 10.80
N ASN A 78 -0.03 6.05 9.81
CA ASN A 78 -0.41 4.87 9.03
C ASN A 78 0.27 4.80 7.66
N ILE A 79 1.31 5.60 7.48
CA ILE A 79 2.18 5.49 6.31
C ILE A 79 3.61 5.14 6.78
N VAL A 80 4.21 4.11 6.16
CA VAL A 80 5.57 3.69 6.52
C VAL A 80 6.50 4.90 6.42
N ASN A 81 7.25 5.17 7.48
CA ASN A 81 8.02 6.40 7.57
C ASN A 81 9.24 6.42 6.65
N TYR A 82 9.29 7.44 5.78
CA TYR A 82 10.45 7.76 4.97
C TYR A 82 11.48 8.50 5.85
N LEU A 83 12.69 7.98 5.90
CA LEU A 83 13.70 8.49 6.82
C LEU A 83 14.72 9.42 6.17
N ASP A 84 15.26 9.02 5.03
CA ASP A 84 16.39 9.70 4.42
C ASP A 84 16.64 9.13 3.04
N SER A 85 17.39 9.87 2.21
CA SER A 85 17.85 9.36 0.93
C SER A 85 19.27 9.84 0.69
N TYR A 86 19.99 9.10 -0.14
CA TYR A 86 21.39 9.37 -0.49
C TYR A 86 21.61 9.07 -1.96
N LEU A 87 22.57 9.77 -2.57
CA LEU A 87 22.92 9.53 -3.96
C LEU A 87 24.44 9.53 -4.08
N VAL A 88 24.98 8.39 -4.46
CA VAL A 88 26.43 8.22 -4.67
C VAL A 88 26.64 7.79 -6.12
N GLY A 89 27.14 8.71 -6.93
CA GLY A 89 27.20 8.49 -8.38
C GLY A 89 25.82 8.18 -8.94
N ASP A 90 25.69 6.99 -9.53
CA ASP A 90 24.42 6.51 -10.08
C ASP A 90 23.59 5.71 -9.08
N GLU A 91 24.09 5.62 -7.85
CA GLU A 91 23.48 4.76 -6.84
C GLU A 91 22.58 5.55 -5.89
N LEU A 92 21.26 5.41 -6.06
CA LEU A 92 20.29 6.04 -5.16
C LEU A 92 19.88 5.10 -4.02
N TRP A 93 19.86 5.65 -2.80
CA TRP A 93 19.45 4.91 -1.61
CA TRP A 93 19.45 4.90 -1.62
C TRP A 93 18.25 5.59 -0.98
N VAL A 94 17.19 4.83 -0.76
CA VAL A 94 16.03 5.33 -0.01
C VAL A 94 15.91 4.58 1.33
N VAL A 95 15.97 5.31 2.44
CA VAL A 95 15.95 4.71 3.76
C VAL A 95 14.56 4.84 4.41
N MET A 96 14.00 3.70 4.80
CA MET A 96 12.63 3.62 5.33
C MET A 96 12.70 2.97 6.71
N GLU A 97 11.68 3.22 7.53
CA GLU A 97 11.56 2.45 8.76
C GLU A 97 11.32 0.98 8.38
N TYR A 98 11.86 0.06 9.16
CA TYR A 98 11.67 -1.36 8.91
C TYR A 98 10.52 -1.86 9.76
N LEU A 99 9.58 -2.58 9.15
CA LEU A 99 8.52 -3.23 9.90
CA LEU A 99 8.51 -3.24 9.90
C LEU A 99 8.76 -4.74 9.89
N ALA A 100 9.10 -5.27 11.06
CA ALA A 100 9.54 -6.63 11.19
C ALA A 100 8.41 -7.67 11.10
N GLY A 101 7.16 -7.22 10.99
CA GLY A 101 6.01 -8.14 10.96
C GLY A 101 5.53 -8.53 9.57
N GLY A 102 6.32 -8.24 8.55
CA GLY A 102 6.01 -8.64 7.18
C GLY A 102 4.92 -7.81 6.52
N SER A 103 4.19 -8.41 5.59
CA SER A 103 3.08 -7.74 4.90
C SER A 103 1.73 -8.34 5.30
N LEU A 104 0.65 -7.65 4.94
CA LEU A 104 -0.70 -8.18 5.09
C LEU A 104 -0.92 -9.41 4.19
N THR A 105 -0.19 -9.49 3.07
CA THR A 105 -0.26 -10.65 2.18
C THR A 105 0.12 -11.92 2.90
N ASP A 106 1.20 -11.87 3.68
CA ASP A 106 1.63 -13.01 4.50
C ASP A 106 0.54 -13.44 5.48
N VAL A 107 -0.11 -12.47 6.12
CA VAL A 107 -1.18 -12.76 7.06
C VAL A 107 -2.38 -13.44 6.38
N VAL A 108 -2.87 -12.86 5.28
CA VAL A 108 -4.05 -13.41 4.60
C VAL A 108 -3.80 -14.75 3.89
N THR A 109 -2.54 -15.03 3.52
CA THR A 109 -2.23 -16.29 2.83
C THR A 109 -1.91 -17.43 3.80
N GLU A 110 -1.53 -17.08 5.03
CA GLU A 110 -1.05 -18.05 6.01
C GLU A 110 -1.95 -18.21 7.24
N THR A 111 -2.86 -17.27 7.47
CA THR A 111 -3.72 -17.31 8.66
C THR A 111 -5.17 -17.03 8.29
N CYS A 112 -6.04 -17.10 9.31
CA CYS A 112 -7.46 -16.79 9.13
CA CYS A 112 -7.46 -16.81 9.16
C CYS A 112 -7.85 -15.71 10.13
N MET A 113 -8.06 -14.50 9.60
CA MET A 113 -8.42 -13.35 10.43
C MET A 113 -9.88 -13.41 10.80
N ASP A 114 -10.20 -12.98 12.02
CA ASP A 114 -11.59 -12.79 12.42
C ASP A 114 -12.06 -11.37 12.05
N GLU A 115 -13.36 -11.12 12.20
CA GLU A 115 -13.96 -9.84 11.79
C GLU A 115 -13.40 -8.69 12.61
N GLY A 116 -13.12 -8.93 13.89
CA GLY A 116 -12.53 -7.91 14.76
C GLY A 116 -11.14 -7.49 14.29
N GLN A 117 -10.35 -8.47 13.86
CA GLN A 117 -9.02 -8.21 13.31
C GLN A 117 -9.10 -7.53 11.94
N ILE A 118 -10.05 -7.95 11.11
CA ILE A 118 -10.27 -7.29 9.81
C ILE A 118 -10.69 -5.82 9.99
N ALA A 119 -11.65 -5.57 10.89
CA ALA A 119 -12.11 -4.20 11.14
C ALA A 119 -10.96 -3.28 11.55
N ALA A 120 -10.04 -3.81 12.36
CA ALA A 120 -8.88 -3.05 12.86
C ALA A 120 -7.97 -2.67 11.70
N VAL A 121 -7.68 -3.62 10.82
CA VAL A 121 -6.84 -3.38 9.64
C VAL A 121 -7.50 -2.38 8.68
N CYS A 122 -8.79 -2.60 8.38
CA CYS A 122 -9.54 -1.67 7.50
C CYS A 122 -9.56 -0.25 8.06
N ARG A 123 -9.78 -0.12 9.37
CA ARG A 123 -9.76 1.20 10.03
C ARG A 123 -8.41 1.91 9.80
N GLU A 124 -7.32 1.21 10.11
CA GLU A 124 -5.97 1.75 9.97
C GLU A 124 -5.66 2.18 8.53
N CYS A 125 -6.02 1.33 7.57
CA CYS A 125 -5.86 1.65 6.15
C CYS A 125 -6.70 2.87 5.75
N LEU A 126 -7.96 2.94 6.20
CA LEU A 126 -8.81 4.09 5.91
C LEU A 126 -8.30 5.39 6.54
N GLN A 127 -7.62 5.28 7.67
CA GLN A 127 -6.96 6.45 8.29
C GLN A 127 -5.87 6.98 7.37
N ALA A 128 -5.10 6.07 6.76
CA ALA A 128 -4.05 6.48 5.81
C ALA A 128 -4.69 7.12 4.58
N LEU A 129 -5.75 6.50 4.06
CA LEU A 129 -6.45 6.98 2.86
C LEU A 129 -7.15 8.32 3.03
N GLU A 130 -7.82 8.52 4.18
CA GLU A 130 -8.43 9.81 4.47
C GLU A 130 -7.40 10.93 4.43
N PHE A 131 -6.26 10.71 5.07
CA PHE A 131 -5.17 11.66 5.10
C PHE A 131 -4.63 11.96 3.70
N LEU A 132 -4.37 10.91 2.91
CA LEU A 132 -3.85 11.08 1.55
C LEU A 132 -4.84 11.83 0.68
N HIS A 133 -6.09 11.39 0.69
CA HIS A 133 -7.13 11.98 -0.13
C HIS A 133 -7.40 13.43 0.26
N SER A 134 -7.31 13.75 1.54
CA SER A 134 -7.52 15.14 1.99
C SER A 134 -6.35 16.03 1.58
N ASN A 135 -5.21 15.40 1.30
CA ASN A 135 -4.05 16.12 0.80
C ASN A 135 -3.88 15.96 -0.71
N GLN A 136 -4.96 15.53 -1.37
CA GLN A 136 -4.99 15.45 -2.84
CA GLN A 136 -5.03 15.39 -2.82
C GLN A 136 -4.03 14.41 -3.41
N VAL A 137 -3.78 13.33 -2.67
CA VAL A 137 -2.95 12.23 -3.15
C VAL A 137 -3.81 10.98 -3.28
N ILE A 138 -3.82 10.39 -4.48
CA ILE A 138 -4.42 9.07 -4.70
C ILE A 138 -3.30 8.05 -4.79
N HIS A 139 -3.39 6.99 -3.97
CA HIS A 139 -2.32 5.98 -3.92
C HIS A 139 -2.23 5.16 -5.22
N ARG A 140 -3.39 4.63 -5.64
CA ARG A 140 -3.60 3.93 -6.92
C ARG A 140 -3.05 2.51 -6.99
N ASP A 141 -2.42 2.02 -5.93
CA ASP A 141 -1.98 0.62 -5.88
C ASP A 141 -2.20 -0.02 -4.50
N ILE A 142 -3.39 0.20 -3.93
CA ILE A 142 -3.78 -0.39 -2.65
C ILE A 142 -3.97 -1.89 -2.87
N LYS A 143 -3.27 -2.69 -2.06
CA LYS A 143 -3.29 -4.16 -2.10
C LYS A 143 -2.51 -4.61 -0.88
N SER A 144 -2.75 -5.85 -0.43
CA SER A 144 -2.16 -6.37 0.82
CA SER A 144 -2.16 -6.37 0.82
C SER A 144 -0.65 -6.28 0.86
N ASP A 145 -0.02 -6.42 -0.31
CA ASP A 145 1.45 -6.35 -0.47
C ASP A 145 2.01 -5.02 -0.02
N ASN A 146 1.21 -3.97 -0.13
CA ASN A 146 1.65 -2.61 0.22
C ASN A 146 1.24 -2.18 1.60
N ILE A 147 0.70 -3.13 2.36
CA ILE A 147 0.37 -2.91 3.77
CA ILE A 147 0.36 -2.92 3.76
C ILE A 147 1.38 -3.67 4.62
N LEU A 148 2.23 -2.92 5.32
CA LEU A 148 3.26 -3.55 6.13
C LEU A 148 2.88 -3.53 7.59
N LEU A 149 3.34 -4.54 8.32
CA LEU A 149 2.86 -4.80 9.66
C LEU A 149 3.99 -4.77 10.68
N GLY A 150 3.77 -4.05 11.77
CA GLY A 150 4.69 -4.06 12.90
C GLY A 150 4.47 -5.29 13.76
N MET A 151 5.51 -5.69 14.50
CA MET A 151 5.40 -6.79 15.44
C MET A 151 4.37 -6.52 16.56
N ASP A 152 4.10 -5.24 16.80
CA ASP A 152 3.06 -4.81 17.75
C ASP A 152 1.67 -4.70 17.11
N GLY A 153 1.55 -5.05 15.84
CA GLY A 153 0.28 -4.95 15.13
C GLY A 153 0.01 -3.61 14.49
N SER A 154 1.04 -2.76 14.39
CA SER A 154 0.96 -1.51 13.62
C SER A 154 0.66 -1.85 12.16
N VAL A 155 -0.14 -1.01 11.52
CA VAL A 155 -0.59 -1.25 10.15
C VAL A 155 -0.22 0.00 9.35
N LYS A 156 0.73 -0.15 8.42
CA LYS A 156 1.22 1.00 7.66
C LYS A 156 1.26 0.76 6.15
N LEU A 157 0.80 1.76 5.42
CA LEU A 157 0.76 1.75 3.97
C LEU A 157 2.06 2.26 3.37
N THR A 158 2.48 1.65 2.27
CA THR A 158 3.66 2.13 1.57
C THR A 158 3.57 1.99 0.04
N ASP A 159 4.69 2.28 -0.62
CA ASP A 159 4.85 2.29 -2.08
C ASP A 159 4.09 3.39 -2.79
N PHE A 160 4.76 4.53 -2.89
CA PHE A 160 4.23 5.68 -3.60
C PHE A 160 4.80 5.77 -5.02
N GLY A 161 5.22 4.62 -5.55
CA GLY A 161 5.65 4.49 -6.94
C GLY A 161 4.56 4.66 -7.99
N PHE A 162 3.28 4.69 -7.57
CA PHE A 162 2.16 4.74 -8.54
C PHE A 162 1.15 5.86 -8.25
N CYS A 163 1.46 6.69 -7.26
CA CYS A 163 0.48 7.67 -6.77
C CYS A 163 0.27 8.85 -7.73
N ALA A 164 -0.88 9.50 -7.58
CA ALA A 164 -1.23 10.67 -8.37
C ALA A 164 -1.52 11.83 -7.44
N GLN A 165 -0.96 12.99 -7.78
CA GLN A 165 -1.34 14.21 -7.09
C GLN A 165 -2.36 14.95 -7.94
N ILE A 166 -3.52 15.23 -7.37
CA ILE A 166 -4.60 15.89 -8.11
C ILE A 166 -4.83 17.32 -7.64
N THR A 167 -5.57 18.09 -8.43
CA THR A 167 -5.95 19.46 -8.05
C THR A 167 -7.43 19.68 -8.40
N PRO A 168 -8.03 20.80 -7.93
CA PRO A 168 -9.38 21.12 -8.42
C PRO A 168 -9.46 21.36 -9.94
N GLU A 169 -8.40 21.87 -10.54
CA GLU A 169 -8.32 21.99 -12.01
C GLU A 169 -8.41 20.61 -12.66
N GLN A 170 -7.64 19.67 -12.13
CA GLN A 170 -7.56 18.32 -12.67
C GLN A 170 -7.75 17.29 -11.55
N SER A 171 -9.02 17.08 -11.20
CA SER A 171 -9.42 16.27 -10.05
C SER A 171 -9.46 14.77 -10.37
N LYS A 172 -9.32 14.44 -11.65
CA LYS A 172 -9.45 13.07 -12.11
C LYS A 172 -8.26 12.62 -12.96
N ARG A 173 -8.04 11.30 -12.99
CA ARG A 173 -6.92 10.70 -13.72
C ARG A 173 -7.42 9.61 -14.68
N SER A 174 -6.54 9.17 -15.58
CA SER A 174 -6.91 8.14 -16.56
C SER A 174 -5.90 7.01 -16.68
N TPO A 175 -4.68 7.22 -16.22
CA TPO A 175 -3.60 6.24 -16.38
CB TPO A 175 -2.26 6.78 -15.92
CG2 TPO A 175 -1.10 5.97 -16.49
OG1 TPO A 175 -2.13 8.14 -16.33
P TPO A 175 -1.95 9.33 -15.27
O1P TPO A 175 -0.78 8.91 -14.39
O2P TPO A 175 -3.28 9.35 -14.55
O3P TPO A 175 -1.70 10.53 -16.14
C TPO A 175 -3.92 4.98 -15.62
O TPO A 175 -4.34 5.03 -14.47
N MET A 176 -3.70 3.83 -16.28
CA MET A 176 -3.93 2.55 -15.63
C MET A 176 -2.61 2.07 -15.05
N VAL A 177 -2.40 2.35 -13.76
CA VAL A 177 -1.11 2.09 -13.13
C VAL A 177 -1.18 0.96 -12.10
N GLY A 178 -2.37 0.74 -11.55
CA GLY A 178 -2.56 -0.20 -10.44
C GLY A 178 -2.43 -1.65 -10.83
N THR A 179 -2.36 -2.51 -9.82
CA THR A 179 -2.36 -3.96 -10.01
C THR A 179 -3.78 -4.42 -10.41
N PRO A 180 -3.90 -5.10 -11.57
CA PRO A 180 -5.19 -5.42 -12.19
C PRO A 180 -6.28 -5.93 -11.24
N TYR A 181 -5.96 -6.94 -10.42
CA TYR A 181 -6.98 -7.58 -9.58
C TYR A 181 -7.64 -6.66 -8.54
N TRP A 182 -6.95 -5.58 -8.18
CA TRP A 182 -7.46 -4.62 -7.19
C TRP A 182 -8.04 -3.37 -7.81
N MET A 183 -8.04 -3.32 -9.14
CA MET A 183 -8.48 -2.15 -9.91
C MET A 183 -10.00 -1.95 -9.92
N ALA A 184 -10.42 -0.72 -9.66
CA ALA A 184 -11.82 -0.32 -9.76
C ALA A 184 -12.29 -0.42 -11.22
N PRO A 185 -13.57 -0.78 -11.44
CA PRO A 185 -14.05 -0.96 -12.81
C PRO A 185 -13.97 0.31 -13.66
N GLU A 186 -14.15 1.49 -13.05
CA GLU A 186 -14.12 2.74 -13.79
C GLU A 186 -12.74 3.07 -14.40
N VAL A 187 -11.69 2.50 -13.83
CA VAL A 187 -10.33 2.64 -14.36
C VAL A 187 -10.26 2.06 -15.79
N VAL A 188 -11.09 1.05 -16.07
CA VAL A 188 -11.08 0.43 -17.40
CA VAL A 188 -11.11 0.39 -17.38
C VAL A 188 -12.27 0.85 -18.28
N THR A 189 -13.42 1.16 -17.67
CA THR A 189 -14.63 1.51 -18.42
C THR A 189 -14.68 2.95 -18.90
N ARG A 190 -14.06 3.87 -18.16
CA ARG A 190 -13.99 5.29 -18.55
C ARG A 190 -12.55 5.78 -18.58
N LYS A 191 -12.36 7.07 -18.84
CA LYS A 191 -11.03 7.68 -18.73
C LYS A 191 -11.01 8.82 -17.71
N ALA A 192 -11.76 8.62 -16.63
CA ALA A 192 -11.81 9.59 -15.53
C ALA A 192 -12.15 8.88 -14.23
N TYR A 193 -11.15 8.78 -13.35
CA TYR A 193 -11.39 8.26 -12.01
C TYR A 193 -10.76 9.19 -10.95
N GLY A 194 -11.25 9.10 -9.72
CA GLY A 194 -10.70 9.87 -8.62
C GLY A 194 -10.30 9.01 -7.44
N PRO A 195 -10.22 9.61 -6.24
CA PRO A 195 -9.74 8.97 -5.01
C PRO A 195 -10.44 7.68 -4.60
N LYS A 196 -11.70 7.50 -5.00
CA LYS A 196 -12.49 6.33 -4.60
C LYS A 196 -12.06 5.02 -5.25
N VAL A 197 -11.12 5.09 -6.19
CA VAL A 197 -10.47 3.88 -6.68
C VAL A 197 -9.68 3.19 -5.55
N ASP A 198 -9.14 3.97 -4.60
CA ASP A 198 -8.40 3.39 -3.47
C ASP A 198 -9.36 2.69 -2.49
N ILE A 199 -10.58 3.20 -2.44
CA ILE A 199 -11.65 2.65 -1.61
C ILE A 199 -12.11 1.30 -2.17
N TRP A 200 -12.33 1.25 -3.48
CA TRP A 200 -12.59 -0.03 -4.16
C TRP A 200 -11.46 -1.03 -3.88
N SER A 201 -10.21 -0.60 -4.01
CA SER A 201 -9.06 -1.48 -3.77
C SER A 201 -9.00 -2.00 -2.34
N LEU A 202 -9.38 -1.15 -1.39
CA LEU A 202 -9.50 -1.55 0.01
C LEU A 202 -10.57 -2.63 0.20
N GLY A 203 -11.70 -2.48 -0.50
CA GLY A 203 -12.75 -3.50 -0.51
C GLY A 203 -12.22 -4.84 -1.02
N ILE A 204 -11.39 -4.80 -2.06
CA ILE A 204 -10.76 -6.02 -2.58
C ILE A 204 -9.79 -6.63 -1.54
N MET A 205 -9.07 -5.77 -0.86
CA MET A 205 -8.19 -6.17 0.24
CA MET A 205 -8.18 -6.19 0.23
C MET A 205 -8.98 -6.84 1.38
N ALA A 206 -10.20 -6.34 1.64
CA ALA A 206 -11.06 -6.97 2.64
C ALA A 206 -11.50 -8.37 2.17
N ILE A 207 -11.78 -8.51 0.89
CA ILE A 207 -12.01 -9.86 0.32
C ILE A 207 -10.77 -10.75 0.51
N GLU A 208 -9.58 -10.21 0.31
CA GLU A 208 -8.34 -10.96 0.63
C GLU A 208 -8.34 -11.47 2.06
N MET A 209 -8.69 -10.60 3.00
CA MET A 209 -8.74 -10.93 4.41
C MET A 209 -9.78 -12.02 4.75
N ILE A 210 -10.89 -12.02 4.01
CA ILE A 210 -11.95 -13.04 4.14
C ILE A 210 -11.59 -14.39 3.46
N GLU A 211 -11.16 -14.32 2.20
CA GLU A 211 -11.06 -15.51 1.32
C GLU A 211 -9.63 -15.90 0.93
N GLY A 212 -8.67 -15.02 1.22
CA GLY A 212 -7.26 -15.34 1.06
C GLY A 212 -6.66 -14.83 -0.23
N GLU A 213 -7.52 -14.35 -1.14
CA GLU A 213 -7.12 -13.92 -2.49
C GLU A 213 -8.09 -12.88 -2.99
N PRO A 214 -7.65 -11.98 -3.89
CA PRO A 214 -8.60 -11.13 -4.60
C PRO A 214 -9.41 -11.96 -5.59
N PRO A 215 -10.61 -11.50 -5.99
CA PRO A 215 -11.31 -12.24 -7.03
C PRO A 215 -10.46 -12.36 -8.32
N TYR A 216 -10.60 -13.47 -9.03
CA TYR A 216 -9.95 -13.68 -10.35
C TYR A 216 -8.44 -13.81 -10.33
N LEU A 217 -7.86 -14.07 -9.15
CA LEU A 217 -6.41 -14.14 -9.02
C LEU A 217 -5.81 -15.18 -9.99
N ASN A 218 -6.50 -16.32 -10.13
CA ASN A 218 -6.05 -17.42 -10.98
C ASN A 218 -6.14 -17.12 -12.48
N GLU A 219 -6.90 -16.09 -12.83
CA GLU A 219 -7.06 -15.69 -14.23
C GLU A 219 -5.88 -14.86 -14.71
N ASN A 220 -5.64 -14.90 -16.02
CA ASN A 220 -4.70 -14.00 -16.68
C ASN A 220 -5.11 -12.55 -16.35
N PRO A 221 -4.12 -11.68 -16.05
CA PRO A 221 -4.42 -10.28 -15.70
C PRO A 221 -5.27 -9.56 -16.75
N LEU A 222 -5.06 -9.89 -18.02
CA LEU A 222 -5.82 -9.32 -19.13
C LEU A 222 -7.29 -9.72 -19.08
N ARG A 223 -7.56 -10.95 -18.64
CA ARG A 223 -8.94 -11.44 -18.50
C ARG A 223 -9.60 -10.79 -17.26
N ALA A 224 -8.87 -10.79 -16.15
CA ALA A 224 -9.36 -10.22 -14.88
C ALA A 224 -9.98 -8.83 -15.03
N LEU A 225 -9.32 -7.96 -15.80
CA LEU A 225 -9.77 -6.58 -15.99
C LEU A 225 -11.08 -6.52 -16.80
N TYR A 226 -11.20 -7.38 -17.81
CA TYR A 226 -12.46 -7.59 -18.51
C TYR A 226 -13.53 -8.13 -17.55
N LEU A 227 -13.13 -9.07 -16.69
CA LEU A 227 -14.02 -9.64 -15.67
C LEU A 227 -14.53 -8.59 -14.66
N ILE A 228 -13.63 -7.74 -14.19
CA ILE A 228 -13.99 -6.63 -13.29
C ILE A 228 -15.02 -5.67 -13.90
N ALA A 229 -14.77 -5.22 -15.12
CA ALA A 229 -15.66 -4.28 -15.81
C ALA A 229 -17.03 -4.86 -16.15
N THR A 230 -17.08 -6.16 -16.37
CA THR A 230 -18.34 -6.82 -16.76
C THR A 230 -19.12 -7.46 -15.60
N ASN A 231 -18.41 -7.95 -14.59
CA ASN A 231 -19.08 -8.53 -13.41
C ASN A 231 -19.47 -7.46 -12.39
N GLY A 232 -18.73 -6.34 -12.40
CA GLY A 232 -18.95 -5.26 -11.46
C GLY A 232 -18.55 -5.66 -10.05
N THR A 233 -19.47 -5.48 -9.11
CA THR A 233 -19.23 -5.82 -7.72
C THR A 233 -19.01 -7.33 -7.60
N PRO A 234 -17.83 -7.75 -7.10
CA PRO A 234 -17.51 -9.17 -7.01
C PRO A 234 -18.34 -9.87 -5.95
N GLU A 235 -18.60 -11.15 -6.17
CA GLU A 235 -19.45 -11.96 -5.30
C GLU A 235 -18.59 -12.77 -4.34
N LEU A 236 -18.97 -12.76 -3.06
CA LEU A 236 -18.26 -13.55 -2.05
C LEU A 236 -18.65 -15.02 -2.21
N GLN A 237 -17.75 -15.92 -1.82
CA GLN A 237 -18.02 -17.36 -1.91
C GLN A 237 -19.03 -17.80 -0.85
N ASN A 238 -18.88 -17.26 0.37
CA ASN A 238 -19.80 -17.56 1.47
C ASN A 238 -20.26 -16.30 2.23
N PRO A 239 -21.10 -15.47 1.57
CA PRO A 239 -21.54 -14.20 2.18
C PRO A 239 -22.31 -14.39 3.47
N GLU A 240 -22.88 -15.57 3.67
CA GLU A 240 -23.68 -15.87 4.85
C GLU A 240 -22.85 -16.04 6.13
N LYS A 241 -21.54 -16.29 5.96
CA LYS A 241 -20.64 -16.39 7.10
C LYS A 241 -20.31 -15.03 7.70
N LEU A 242 -20.61 -13.96 6.98
CA LEU A 242 -20.25 -12.61 7.44
C LEU A 242 -21.39 -11.96 8.19
N SER A 243 -21.05 -11.12 9.17
CA SER A 243 -22.03 -10.33 9.90
C SER A 243 -22.72 -9.35 8.94
N ALA A 244 -23.96 -8.97 9.24
CA ALA A 244 -24.68 -7.98 8.43
C ALA A 244 -23.92 -6.65 8.32
N ILE A 245 -23.26 -6.21 9.40
CA ILE A 245 -22.55 -4.92 9.38
C ILE A 245 -21.28 -4.98 8.51
N PHE A 246 -20.59 -6.11 8.50
CA PHE A 246 -19.44 -6.31 7.62
C PHE A 246 -19.90 -6.37 6.15
N ARG A 247 -21.01 -7.05 5.87
CA ARG A 247 -21.54 -7.09 4.50
C ARG A 247 -21.88 -5.67 4.00
N ASP A 248 -22.50 -4.87 4.88
CA ASP A 248 -22.82 -3.48 4.56
C ASP A 248 -21.55 -2.68 4.23
N PHE A 249 -20.52 -2.82 5.07
CA PHE A 249 -19.24 -2.14 4.86
C PHE A 249 -18.61 -2.49 3.50
N LEU A 250 -18.58 -3.77 3.19
CA LEU A 250 -18.05 -4.26 1.91
C LEU A 250 -18.81 -3.69 0.72
N ASN A 251 -20.13 -3.70 0.81
CA ASN A 251 -20.98 -3.13 -0.24
C ASN A 251 -20.73 -1.63 -0.48
N ARG A 252 -20.43 -0.91 0.59
CA ARG A 252 -20.12 0.52 0.48
C ARG A 252 -18.75 0.77 -0.15
N CYS A 253 -17.81 -0.16 0.07
CA CYS A 253 -16.48 -0.11 -0.57
C CYS A 253 -16.52 -0.53 -2.03
N LEU A 254 -17.38 -1.50 -2.34
CA LEU A 254 -17.39 -2.09 -3.69
C LEU A 254 -18.53 -1.62 -4.57
N GLU A 255 -19.08 -0.46 -4.24
CA GLU A 255 -20.20 0.11 -4.97
C GLU A 255 -19.74 0.51 -6.38
N MET A 256 -20.53 0.10 -7.37
CA MET A 256 -20.26 0.39 -8.80
C MET A 256 -20.40 1.88 -9.11
N ASP A 257 -21.43 2.49 -8.54
CA ASP A 257 -21.69 3.91 -8.69
C ASP A 257 -20.70 4.66 -7.80
N VAL A 258 -19.76 5.37 -8.42
CA VAL A 258 -18.69 6.08 -7.70
C VAL A 258 -19.26 7.09 -6.69
N GLU A 259 -20.35 7.76 -7.08
CA GLU A 259 -21.03 8.72 -6.20
C GLU A 259 -21.58 8.03 -4.95
N LYS A 260 -22.08 6.81 -5.11
CA LYS A 260 -22.62 6.04 -4.00
C LYS A 260 -21.54 5.34 -3.16
N ARG A 261 -20.43 4.99 -3.79
CA ARG A 261 -19.28 4.40 -3.06
C ARG A 261 -18.84 5.31 -1.91
N GLY A 262 -18.52 4.72 -0.77
CA GLY A 262 -18.09 5.50 0.39
C GLY A 262 -16.77 6.22 0.12
N SER A 263 -16.64 7.42 0.68
CA SER A 263 -15.35 8.07 0.76
C SER A 263 -14.62 7.54 2.00
N ALA A 264 -13.32 7.78 2.08
CA ALA A 264 -12.53 7.40 3.24
C ALA A 264 -13.07 8.05 4.52
N LYS A 265 -13.42 9.33 4.43
CA LYS A 265 -13.96 10.08 5.56
C LYS A 265 -15.26 9.44 6.08
N GLU A 266 -16.17 9.12 5.15
CA GLU A 266 -17.45 8.52 5.51
C GLU A 266 -17.30 7.13 6.10
N LEU A 267 -16.38 6.36 5.52
CA LEU A 267 -16.20 4.98 5.94
C LEU A 267 -15.54 4.87 7.32
N LEU A 268 -14.75 5.86 7.70
CA LEU A 268 -14.19 5.89 9.07
C LEU A 268 -15.27 5.97 10.16
N GLN A 269 -16.47 6.41 9.76
CA GLN A 269 -17.64 6.49 10.64
C GLN A 269 -18.48 5.23 10.67
N HIS A 270 -18.16 4.26 9.81
CA HIS A 270 -18.99 3.07 9.65
C HIS A 270 -18.94 2.22 10.91
N GLN A 271 -20.07 1.61 11.27
CA GLN A 271 -20.15 0.83 12.49
C GLN A 271 -19.38 -0.50 12.47
N PHE A 272 -19.08 -1.01 11.28
CA PHE A 272 -18.21 -2.19 11.17
C PHE A 272 -16.85 -1.93 11.86
N LEU A 273 -16.32 -0.72 11.72
CA LEU A 273 -15.03 -0.39 12.35
C LEU A 273 -15.08 -0.41 13.87
N LYS A 274 -16.26 -0.25 14.43
CA LYS A 274 -16.45 -0.21 15.89
C LYS A 274 -16.31 -1.58 16.56
N ILE A 275 -16.34 -2.65 15.77
CA ILE A 275 -16.10 -4.00 16.30
C ILE A 275 -14.59 -4.34 16.35
N ALA A 276 -13.77 -3.40 15.90
CA ALA A 276 -12.33 -3.58 15.85
C ALA A 276 -11.77 -4.06 17.18
N LYS A 277 -10.96 -5.11 17.11
CA LYS A 277 -10.16 -5.54 18.24
C LYS A 277 -8.95 -4.60 18.38
N PRO A 278 -8.31 -4.61 19.55
CA PRO A 278 -7.04 -3.88 19.67
C PRO A 278 -6.07 -4.41 18.62
N LEU A 279 -5.18 -3.54 18.13
CA LEU A 279 -4.23 -3.95 17.09
C LEU A 279 -3.30 -5.07 17.57
N SER A 280 -3.04 -5.10 18.89
CA SER A 280 -2.34 -6.20 19.56
C SER A 280 -2.90 -7.59 19.19
N SER A 281 -4.19 -7.64 18.88
CA SER A 281 -4.84 -8.91 18.50
C SER A 281 -4.25 -9.53 17.23
N LEU A 282 -3.56 -8.71 16.43
CA LEU A 282 -2.97 -9.18 15.18
C LEU A 282 -1.63 -9.88 15.40
N THR A 283 -1.02 -9.68 16.57
CA THR A 283 0.34 -10.15 16.81
CA THR A 283 0.34 -10.15 16.81
C THR A 283 0.51 -11.68 16.63
N PRO A 284 -0.44 -12.50 17.15
CA PRO A 284 -0.29 -13.94 16.88
C PRO A 284 -0.36 -14.36 15.40
N LEU A 285 -1.20 -13.69 14.59
CA LEU A 285 -1.26 -13.96 13.15
C LEU A 285 0.02 -13.53 12.44
N ILE A 286 0.55 -12.39 12.86
CA ILE A 286 1.81 -11.86 12.33
C ILE A 286 2.95 -12.81 12.63
N ALA A 287 3.03 -13.28 13.87
CA ALA A 287 4.06 -14.26 14.28
C ALA A 287 3.91 -15.58 13.51
N ALA A 288 2.69 -16.09 13.45
CA ALA A 288 2.40 -17.32 12.67
C ALA A 288 2.78 -17.22 11.20
N ALA A 289 2.35 -16.15 10.52
CA ALA A 289 2.69 -15.92 9.10
C ALA A 289 4.19 -15.71 8.88
N LYS A 290 4.86 -15.11 9.86
CA LYS A 290 6.31 -14.89 9.81
C LYS A 290 7.05 -16.23 9.83
N GLU A 291 6.65 -17.09 10.77
CA GLU A 291 7.21 -18.44 10.88
C GLU A 291 6.91 -19.31 9.67
N ALA A 292 5.73 -19.12 9.07
CA ALA A 292 5.31 -19.91 7.90
C ALA A 292 6.04 -19.51 6.62
N THR A 293 6.45 -18.25 6.54
CA THR A 293 7.17 -17.75 5.36
C THR A 293 8.69 -17.68 5.60
N LYS A 294 9.14 -18.38 6.64
CA LYS A 294 10.56 -18.62 6.99
C LYS A 294 11.02 -17.95 8.27
O47 0H2 B . 10.59 -2.91 6.15
C45 0H2 B . 10.24 -2.20 5.14
C26 0H2 B . 10.12 -2.72 3.86
N46 0H2 B . 9.98 -0.87 5.23
C27 0H2 B . 9.68 -0.58 3.95
O28 0H2 B . 9.30 0.75 3.44
C29 0H2 B . 9.75 -1.64 3.09
C30 0H2 B . 9.51 -1.74 1.73
C32 0H2 B . 9.70 -3.00 1.19
C34 0H2 B . 10.07 -4.13 1.93
C25 0H2 B . 10.30 -4.00 3.30
C35 0H2 B . 10.22 -5.45 1.20
N49 0H2 B . 9.99 -5.51 -0.13
C40 0H2 B . 10.09 -6.66 -0.83
C39 0H2 B . 10.47 -7.84 -0.20
C38 0H2 B . 10.73 -7.82 1.18
C37 0H2 B . 10.60 -6.62 1.89
RU1 0H2 B . 9.35 -3.59 -0.98
N23 0H2 B . 11.30 -3.23 -1.79
C24 0H2 B . 12.29 -2.78 -2.62
S44 0H2 B . 13.40 -2.21 -3.59
S2 0H2 B . 8.74 -4.40 -3.10
C7 0H2 B . 8.03 -3.03 -3.76
C8 0H2 B . 8.76 -1.75 -3.41
S9 0H2 B . 8.58 -1.40 -1.69
C10 0H2 B . 6.84 -1.58 -1.38
C6 0H2 B . 6.52 -2.43 -0.14
S5 0H2 B . 7.11 -4.09 -0.21
C4 0H2 B . 6.46 -4.70 -1.74
C3 0H2 B . 7.56 -5.42 -2.52
#